data_9G07
#
_entry.id   9G07
#
_cell.length_a   68.100
_cell.length_b   87.359
_cell.length_c   101.309
_cell.angle_alpha   90.00
_cell.angle_beta   90.00
_cell.angle_gamma   90.00
#
_symmetry.space_group_name_H-M   'P 2 21 21'
#
loop_
_entity.id
_entity.type
_entity.pdbx_description
1 polymer 'Glucose-6-phosphate isomerase'
2 non-polymer 4-bromanyl-2-methyl-pyrazol-3-amine
3 non-polymer '5-PHOSPHOARABINONIC ACID'
4 water water
#
_entity_poly.entity_id   1
_entity_poly.type   'polypeptide(L)'
_entity_poly.pdbx_seq_one_letter_code
;GPLGSMASFKLATDLPEWKKLEETYKSVGEKFSVRDAFAKDPKRFEEFSWIYKNYDDSKILFDFSKNLVNKEILDQLVTL
AKEAGVEKLRDAMFAGDHINTTEDRAVYHVALRNRALRKMPVDGKDTAQEVDDVLKHMKEFSDSIRDGSWTGYTGKSITD
VVNIGIGGSDLGPVMVTEALKAYSKPGLNVHFISNIDGTHTAETLKNLNPETTLFLIASKTFTTAETITNATSAKNWFLA
TAKDSKHIAKHFAALSTNEKEVVAFGIDAKNMFGFESWVGGRYSVWSAIGLSVAIYIGFENFNDFLKGAEAMDQHFLTTP
LENNIPVIGGLLSVWYNNFFGAQTHLVVPFDQYLHRFPAYLQQLSMESNGKSVTRANVFTNYQTGTILFGEPATNAQHSF
FQLVHQGTKLIPADFILAAQSHNPIEKNLHQRMLASNFFAQSEALMVGKDEAKVKAEGATGGLVPHKEFSGNRPTTSILA
QKITPATLGSLIAYYEHLTFTEGAIWNINSFDQWGVELGKVLAKVIGKELDDKKAVATHDASTNGLINQFKEWEE
;
_entity_poly.pdbx_strand_id   A
#
loop_
_chem_comp.id
_chem_comp.type
_chem_comp.name
_chem_comp.formula
A1IHU non-polymer 4-bromanyl-2-methyl-pyrazol-3-amine 'C4 H6 Br N3'
PA5 saccharide '5-PHOSPHOARABINONIC ACID' 'C5 H11 O9 P'
#
# COMPACT_ATOMS: atom_id res chain seq x y z
N SER A 5 20.58 -19.87 -1.13
CA SER A 5 19.29 -19.13 -1.07
C SER A 5 18.35 -19.53 -2.21
N MET A 6 18.63 -20.66 -2.88
CA MET A 6 17.90 -20.97 -4.09
CA MET A 6 17.92 -21.01 -4.10
C MET A 6 16.52 -21.50 -3.74
N ALA A 7 15.73 -21.65 -4.80
CA ALA A 7 14.33 -22.01 -4.74
C ALA A 7 14.20 -23.53 -4.60
N SER A 8 13.10 -23.96 -4.00
CA SER A 8 12.84 -25.38 -3.80
C SER A 8 12.07 -25.94 -4.99
N PHE A 9 11.60 -25.04 -5.88
CA PHE A 9 10.83 -25.43 -7.05
C PHE A 9 10.93 -24.31 -8.12
N LYS A 10 10.54 -24.63 -9.35
CA LYS A 10 10.73 -23.71 -10.48
C LYS A 10 9.50 -22.83 -10.70
N LEU A 11 8.37 -23.47 -11.03
CA LEU A 11 7.13 -22.82 -11.39
C LEU A 11 6.01 -23.25 -10.46
N ALA A 12 5.07 -22.35 -10.14
CA ALA A 12 3.90 -22.67 -9.35
C ALA A 12 3.14 -23.84 -9.97
N THR A 13 3.12 -23.90 -11.30
CA THR A 13 2.41 -24.95 -12.02
C THR A 13 3.05 -26.33 -11.81
N ASP A 14 4.27 -26.38 -11.29
CA ASP A 14 4.95 -27.61 -10.90
C ASP A 14 4.46 -28.18 -9.57
N LEU A 15 3.84 -27.35 -8.72
CA LEU A 15 3.39 -27.83 -7.43
C LEU A 15 2.23 -28.80 -7.64
N PRO A 16 2.32 -30.01 -7.05
CA PRO A 16 1.29 -31.05 -7.28
C PRO A 16 -0.13 -30.60 -6.96
N GLU A 17 -0.29 -29.73 -5.94
CA GLU A 17 -1.64 -29.24 -5.62
C GLU A 17 -2.19 -28.27 -6.68
N TRP A 18 -1.34 -27.66 -7.52
CA TRP A 18 -1.83 -26.75 -8.54
C TRP A 18 -2.77 -27.47 -9.50
N LYS A 19 -2.36 -28.63 -10.04
CA LYS A 19 -3.24 -29.33 -10.96
C LYS A 19 -4.52 -29.78 -10.27
N LYS A 20 -4.43 -30.14 -8.98
CA LYS A 20 -5.60 -30.54 -8.21
C LYS A 20 -6.57 -29.36 -8.05
N LEU A 21 -6.04 -28.15 -7.84
CA LEU A 21 -6.90 -26.98 -7.78
C LEU A 21 -7.55 -26.67 -9.13
N GLU A 22 -6.87 -26.93 -10.25
CA GLU A 22 -7.46 -26.78 -11.57
C GLU A 22 -8.68 -27.71 -11.67
N GLU A 23 -8.56 -28.93 -11.11
CA GLU A 23 -9.61 -29.94 -11.20
C GLU A 23 -10.78 -29.51 -10.32
N THR A 24 -10.44 -28.99 -9.14
CA THR A 24 -11.44 -28.50 -8.21
C THR A 24 -12.15 -27.28 -8.79
N TYR A 25 -11.42 -26.40 -9.50
CA TYR A 25 -12.04 -25.28 -10.16
C TYR A 25 -13.14 -25.78 -11.11
N LYS A 26 -12.79 -26.77 -11.91
CA LYS A 26 -13.76 -27.28 -12.89
C LYS A 26 -15.00 -27.86 -12.21
N SER A 27 -14.82 -28.67 -11.18
CA SER A 27 -15.92 -29.43 -10.62
C SER A 27 -16.72 -28.62 -9.58
N VAL A 28 -16.11 -27.70 -8.82
CA VAL A 28 -16.79 -27.04 -7.72
C VAL A 28 -16.70 -25.51 -7.80
N GLY A 29 -15.54 -25.00 -8.25
CA GLY A 29 -15.23 -23.57 -8.19
C GLY A 29 -16.01 -22.72 -9.19
N GLU A 30 -15.97 -23.11 -10.46
CA GLU A 30 -16.50 -22.29 -11.56
C GLU A 30 -17.98 -21.95 -11.32
N LYS A 31 -18.74 -22.94 -10.84
CA LYS A 31 -20.17 -22.85 -10.68
C LYS A 31 -20.53 -22.57 -9.22
N PHE A 32 -19.58 -22.11 -8.40
CA PHE A 32 -19.77 -22.09 -6.97
C PHE A 32 -20.94 -21.16 -6.65
N SER A 33 -21.89 -21.66 -5.82
CA SER A 33 -23.00 -20.89 -5.29
C SER A 33 -22.73 -20.53 -3.83
N VAL A 34 -22.55 -19.23 -3.54
CA VAL A 34 -22.38 -18.80 -2.16
C VAL A 34 -23.68 -18.96 -1.37
N ARG A 35 -24.85 -18.66 -2.00
CA ARG A 35 -26.13 -18.93 -1.36
C ARG A 35 -26.25 -20.39 -0.91
N ASP A 36 -25.96 -21.34 -1.80
CA ASP A 36 -25.97 -22.74 -1.45
C ASP A 36 -24.99 -23.07 -0.31
N ALA A 37 -23.81 -22.43 -0.28
CA ALA A 37 -22.82 -22.69 0.75
C ALA A 37 -23.37 -22.31 2.12
N PHE A 38 -24.05 -21.15 2.21
CA PHE A 38 -24.63 -20.76 3.50
C PHE A 38 -25.72 -21.76 3.89
N ALA A 39 -26.52 -22.20 2.91
CA ALA A 39 -27.63 -23.13 3.18
C ALA A 39 -27.11 -24.50 3.64
N LYS A 40 -25.95 -24.92 3.15
CA LYS A 40 -25.38 -26.21 3.48
C LYS A 40 -24.68 -26.20 4.84
N ASP A 41 -24.19 -25.04 5.27
CA ASP A 41 -23.26 -24.90 6.38
C ASP A 41 -23.74 -23.81 7.34
N PRO A 42 -24.47 -24.20 8.42
CA PRO A 42 -25.04 -23.21 9.33
C PRO A 42 -23.96 -22.43 10.08
N LYS A 43 -22.73 -22.91 10.04
CA LYS A 43 -21.65 -22.26 10.79
C LYS A 43 -20.70 -21.54 9.83
N ARG A 44 -21.14 -21.29 8.58
CA ARG A 44 -20.23 -20.76 7.57
C ARG A 44 -19.62 -19.42 7.99
N PHE A 45 -20.41 -18.49 8.53
CA PHE A 45 -19.83 -17.24 8.95
C PHE A 45 -18.71 -17.48 9.98
N GLU A 46 -19.00 -18.33 11.00
CA GLU A 46 -18.02 -18.61 12.02
C GLU A 46 -16.77 -19.24 11.41
N GLU A 47 -16.95 -20.14 10.42
CA GLU A 47 -15.86 -20.92 9.89
C GLU A 47 -14.97 -20.08 8.95
N PHE A 48 -15.50 -19.01 8.35
CA PHE A 48 -14.77 -18.28 7.33
C PHE A 48 -14.62 -16.83 7.73
N SER A 49 -14.71 -16.57 9.04
CA SER A 49 -14.38 -15.27 9.61
C SER A 49 -13.39 -15.47 10.77
N TRP A 50 -12.51 -14.49 10.95
CA TRP A 50 -11.48 -14.51 11.99
C TRP A 50 -11.42 -13.14 12.66
N ILE A 51 -11.35 -13.13 13.99
CA ILE A 51 -11.08 -11.92 14.73
C ILE A 51 -9.58 -11.86 15.01
N TYR A 52 -9.04 -10.71 14.65
CA TYR A 52 -7.68 -10.37 14.95
C TYR A 52 -7.68 -9.50 16.20
N LYS A 53 -6.82 -9.84 17.18
CA LYS A 53 -6.67 -8.98 18.35
C LYS A 53 -5.33 -8.28 18.27
N ASN A 54 -5.38 -6.93 18.38
CA ASN A 54 -4.21 -6.10 18.24
C ASN A 54 -3.51 -6.01 19.59
N TYR A 55 -2.36 -5.34 19.64
CA TYR A 55 -1.55 -5.34 20.86
C TYR A 55 -2.22 -4.57 21.99
N ASP A 56 -3.15 -3.68 21.62
CA ASP A 56 -3.84 -2.80 22.54
C ASP A 56 -5.22 -3.36 22.91
N ASP A 57 -5.46 -4.64 22.58
CA ASP A 57 -6.69 -5.39 22.79
C ASP A 57 -7.86 -4.89 21.93
N SER A 58 -7.61 -3.98 20.98
CA SER A 58 -8.62 -3.65 19.98
C SER A 58 -8.70 -4.80 18.98
N LYS A 59 -9.79 -4.81 18.20
CA LYS A 59 -10.09 -5.95 17.36
C LYS A 59 -10.46 -5.53 15.94
N ILE A 60 -10.21 -6.44 15.00
CA ILE A 60 -10.59 -6.33 13.61
C ILE A 60 -11.17 -7.67 13.20
N LEU A 61 -12.40 -7.64 12.66
CA LEU A 61 -13.05 -8.82 12.11
C LEU A 61 -12.72 -8.90 10.63
N PHE A 62 -12.18 -10.05 10.21
CA PHE A 62 -11.97 -10.36 8.81
C PHE A 62 -12.97 -11.42 8.38
N ASP A 63 -14.01 -11.01 7.62
CA ASP A 63 -15.02 -11.98 7.19
C ASP A 63 -14.81 -12.32 5.72
N PHE A 64 -14.39 -13.56 5.44
CA PHE A 64 -14.18 -14.04 4.10
C PHE A 64 -15.36 -14.86 3.58
N SER A 65 -16.46 -14.95 4.34
CA SER A 65 -17.48 -15.98 4.08
C SER A 65 -18.33 -15.69 2.82
N LYS A 66 -18.30 -14.48 2.25
CA LYS A 66 -18.98 -14.22 0.98
C LYS A 66 -18.13 -14.52 -0.26
N ASN A 67 -16.91 -15.08 -0.06
CA ASN A 67 -16.04 -15.50 -1.15
C ASN A 67 -16.48 -16.84 -1.74
N LEU A 68 -15.97 -17.12 -2.96
CA LEU A 68 -16.23 -18.38 -3.67
C LEU A 68 -15.27 -19.46 -3.14
N VAL A 69 -15.51 -19.92 -1.92
CA VAL A 69 -14.58 -20.76 -1.18
C VAL A 69 -15.38 -21.61 -0.22
N ASN A 70 -14.90 -22.81 0.05
CA ASN A 70 -15.42 -23.65 1.12
C ASN A 70 -14.25 -24.41 1.74
N LYS A 71 -14.57 -25.31 2.65
CA LYS A 71 -13.54 -25.99 3.40
C LYS A 71 -12.62 -26.75 2.45
N GLU A 72 -13.22 -27.46 1.46
CA GLU A 72 -12.44 -28.26 0.53
C GLU A 72 -11.42 -27.37 -0.21
N ILE A 73 -11.91 -26.25 -0.75
CA ILE A 73 -11.07 -25.37 -1.55
C ILE A 73 -9.98 -24.76 -0.67
N LEU A 74 -10.35 -24.26 0.51
CA LEU A 74 -9.35 -23.61 1.34
C LEU A 74 -8.28 -24.61 1.79
N ASP A 75 -8.66 -25.84 2.10
CA ASP A 75 -7.70 -26.84 2.55
C ASP A 75 -6.71 -27.14 1.41
N GLN A 76 -7.21 -27.10 0.16
CA GLN A 76 -6.35 -27.30 -0.99
C GLN A 76 -5.40 -26.13 -1.19
N LEU A 77 -5.90 -24.90 -0.97
CA LEU A 77 -5.05 -23.75 -1.08
C LEU A 77 -3.95 -23.75 0.01
N VAL A 78 -4.32 -24.13 1.24
CA VAL A 78 -3.35 -24.28 2.30
C VAL A 78 -2.29 -25.30 1.92
N THR A 79 -2.68 -26.42 1.36
CA THR A 79 -1.69 -27.42 0.93
C THR A 79 -0.73 -26.83 -0.13
N LEU A 80 -1.27 -26.02 -1.05
CA LEU A 80 -0.45 -25.35 -2.04
C LEU A 80 0.56 -24.42 -1.38
N ALA A 81 0.12 -23.66 -0.39
CA ALA A 81 1.03 -22.78 0.34
C ALA A 81 2.15 -23.59 1.00
N LYS A 82 1.85 -24.78 1.50
CA LYS A 82 2.87 -25.60 2.14
C LYS A 82 3.83 -26.11 1.08
N GLU A 83 3.30 -26.55 -0.06
CA GLU A 83 4.16 -26.98 -1.16
C GLU A 83 5.06 -25.87 -1.68
N ALA A 84 4.56 -24.63 -1.70
CA ALA A 84 5.30 -23.47 -2.17
C ALA A 84 6.34 -22.98 -1.15
N GLY A 85 6.27 -23.46 0.07
CA GLY A 85 7.20 -23.07 1.09
C GLY A 85 6.99 -21.64 1.54
N VAL A 86 5.74 -21.21 1.61
CA VAL A 86 5.42 -19.90 2.18
C VAL A 86 6.06 -19.72 3.57
N GLU A 87 5.97 -20.74 4.42
CA GLU A 87 6.50 -20.61 5.79
C GLU A 87 8.03 -20.50 5.79
N LYS A 88 8.70 -21.30 4.96
CA LYS A 88 10.15 -21.25 4.88
C LYS A 88 10.62 -19.87 4.43
N LEU A 89 10.00 -19.32 3.35
CA LEU A 89 10.37 -17.98 2.90
C LEU A 89 10.08 -16.92 3.95
N ARG A 90 8.94 -17.05 4.61
CA ARG A 90 8.59 -16.08 5.64
C ARG A 90 9.63 -16.10 6.76
N ASP A 91 9.99 -17.31 7.18
CA ASP A 91 10.96 -17.44 8.26
C ASP A 91 12.32 -16.84 7.86
N ALA A 92 12.70 -17.01 6.59
CA ALA A 92 13.93 -16.45 6.05
C ALA A 92 13.86 -14.93 6.05
N MET A 93 12.70 -14.37 5.69
CA MET A 93 12.51 -12.92 5.74
C MET A 93 12.78 -12.43 7.17
N PHE A 94 12.13 -13.05 8.17
CA PHE A 94 12.24 -12.62 9.56
C PHE A 94 13.63 -12.89 10.12
N ALA A 95 14.36 -13.81 9.48
CA ALA A 95 15.73 -14.12 9.90
C ALA A 95 16.77 -13.15 9.36
N GLY A 96 16.34 -12.23 8.47
CA GLY A 96 17.24 -11.26 7.87
C GLY A 96 18.03 -11.83 6.69
N ASP A 97 17.61 -13.01 6.20
CA ASP A 97 18.23 -13.60 5.02
C ASP A 97 17.99 -12.71 3.77
N HIS A 98 18.91 -12.84 2.80
CA HIS A 98 18.88 -12.01 1.59
C HIS A 98 17.89 -12.55 0.55
N ILE A 99 16.60 -12.48 0.88
CA ILE A 99 15.58 -13.13 0.06
C ILE A 99 15.24 -12.26 -1.15
N ASN A 100 15.67 -11.00 -1.17
CA ASN A 100 15.65 -10.20 -2.40
C ASN A 100 16.88 -10.62 -3.18
N THR A 101 16.72 -11.68 -4.00
CA THR A 101 17.86 -12.38 -4.59
C THR A 101 18.53 -11.55 -5.66
N THR A 102 17.73 -10.80 -6.44
CA THR A 102 18.24 -10.13 -7.63
C THR A 102 19.08 -8.90 -7.25
N GLU A 103 18.83 -8.33 -6.06
CA GLU A 103 19.59 -7.18 -5.57
C GLU A 103 20.51 -7.61 -4.41
N ASP A 104 20.45 -8.89 -4.03
CA ASP A 104 21.13 -9.48 -2.89
C ASP A 104 21.00 -8.61 -1.65
N ARG A 105 19.75 -8.45 -1.21
CA ARG A 105 19.43 -7.68 -0.03
C ARG A 105 18.50 -8.47 0.88
N ALA A 106 18.60 -8.16 2.18
CA ALA A 106 17.58 -8.55 3.12
C ALA A 106 16.28 -7.79 2.81
N VAL A 107 15.17 -8.28 3.37
CA VAL A 107 13.84 -7.70 3.23
C VAL A 107 13.31 -7.52 4.64
N TYR A 108 13.49 -6.32 5.19
CA TYR A 108 13.45 -6.20 6.63
C TYR A 108 12.63 -5.01 7.08
N HIS A 109 11.53 -4.70 6.37
CA HIS A 109 10.54 -3.77 6.92
C HIS A 109 10.02 -4.23 8.30
N VAL A 110 9.92 -5.54 8.54
CA VAL A 110 9.43 -6.03 9.85
C VAL A 110 10.34 -5.54 10.99
N ALA A 111 11.61 -5.32 10.71
CA ALA A 111 12.56 -4.87 11.71
C ALA A 111 12.33 -3.41 12.06
N LEU A 112 11.65 -2.67 11.18
CA LEU A 112 11.41 -1.24 11.42
C LEU A 112 10.44 -1.00 12.58
N ARG A 113 9.53 -1.95 12.79
CA ARG A 113 8.47 -1.83 13.79
C ARG A 113 8.70 -2.80 14.97
N ASN A 114 9.97 -3.23 15.13
CA ASN A 114 10.38 -4.09 16.23
C ASN A 114 10.47 -3.29 17.54
N ARG A 115 9.33 -2.80 18.03
CA ARG A 115 9.28 -1.98 19.25
C ARG A 115 9.62 -2.81 20.49
N ALA A 116 9.39 -4.13 20.40
CA ALA A 116 9.72 -5.07 21.47
C ALA A 116 11.24 -5.24 21.59
N LEU A 117 12.04 -4.78 20.59
CA LEU A 117 13.50 -4.94 20.56
C LEU A 117 13.90 -6.41 20.64
N ARG A 118 13.16 -7.25 19.89
CA ARG A 118 13.60 -8.62 19.65
C ARG A 118 14.91 -8.58 18.89
N LYS A 119 15.68 -9.66 18.99
CA LYS A 119 16.88 -9.75 18.17
C LYS A 119 16.48 -10.01 16.71
N MET A 120 16.84 -9.11 15.83
CA MET A 120 16.45 -9.12 14.43
C MET A 120 17.68 -8.72 13.60
N PRO A 121 18.52 -9.72 13.23
CA PRO A 121 19.81 -9.45 12.65
C PRO A 121 19.82 -9.49 11.12
N VAL A 122 20.62 -8.60 10.54
CA VAL A 122 21.02 -8.66 9.15
C VAL A 122 22.55 -8.82 9.11
N ASP A 123 22.99 -9.81 8.30
CA ASP A 123 24.42 -10.13 8.20
C ASP A 123 24.98 -10.44 9.61
N GLY A 124 24.16 -11.04 10.46
CA GLY A 124 24.58 -11.58 11.75
C GLY A 124 24.66 -10.52 12.85
N LYS A 125 24.22 -9.30 12.51
CA LYS A 125 24.28 -8.16 13.41
C LYS A 125 22.87 -7.65 13.69
N ASP A 126 22.51 -7.64 14.99
CA ASP A 126 21.21 -7.16 15.43
C ASP A 126 20.95 -5.74 14.92
N THR A 127 19.72 -5.50 14.44
CA THR A 127 19.28 -4.19 13.95
C THR A 127 18.46 -3.41 14.96
N ALA A 128 18.07 -4.05 16.06
CA ALA A 128 17.07 -3.51 16.98
C ALA A 128 17.46 -2.12 17.49
N GLN A 129 18.71 -1.95 17.96
CA GLN A 129 19.06 -0.68 18.56
C GLN A 129 19.28 0.40 17.49
N GLU A 130 19.80 0.03 16.32
CA GLU A 130 20.02 0.99 15.25
C GLU A 130 18.67 1.57 14.78
N VAL A 131 17.67 0.70 14.64
CA VAL A 131 16.33 1.14 14.26
C VAL A 131 15.77 2.07 15.34
N ASP A 132 15.91 1.62 16.59
CA ASP A 132 15.37 2.37 17.70
C ASP A 132 16.01 3.76 17.79
N ASP A 133 17.30 3.84 17.53
CA ASP A 133 18.03 5.10 17.60
C ASP A 133 17.51 6.11 16.59
N VAL A 134 17.17 5.65 15.36
CA VAL A 134 16.57 6.55 14.41
C VAL A 134 15.21 7.04 14.93
N LEU A 135 14.42 6.12 15.52
CA LEU A 135 13.10 6.46 16.02
C LEU A 135 13.25 7.50 17.16
N LYS A 136 14.30 7.34 17.98
CA LYS A 136 14.48 8.33 19.04
CA LYS A 136 14.58 8.31 19.03
C LYS A 136 14.85 9.69 18.45
N HIS A 137 15.62 9.73 17.36
CA HIS A 137 15.91 10.95 16.63
C HIS A 137 14.62 11.56 16.07
N MET A 138 13.76 10.70 15.47
CA MET A 138 12.50 11.17 14.93
C MET A 138 11.60 11.78 16.01
N LYS A 139 11.53 11.17 17.20
CA LYS A 139 10.74 11.63 18.31
C LYS A 139 11.24 13.02 18.75
N GLU A 140 12.55 13.15 18.90
CA GLU A 140 13.12 14.41 19.42
C GLU A 140 12.84 15.56 18.44
N PHE A 141 13.10 15.30 17.15
CA PHE A 141 12.90 16.32 16.13
C PHE A 141 11.42 16.68 15.98
N SER A 142 10.54 15.66 15.85
CA SER A 142 9.11 15.92 15.66
C SER A 142 8.52 16.63 16.89
N ASP A 143 9.01 16.26 18.08
CA ASP A 143 8.56 16.96 19.28
C ASP A 143 8.93 18.45 19.23
N SER A 144 10.14 18.74 18.76
CA SER A 144 10.62 20.11 18.74
CA SER A 144 10.64 20.10 18.72
C SER A 144 9.91 20.92 17.65
N ILE A 145 9.51 20.28 16.53
CA ILE A 145 8.68 20.98 15.57
C ILE A 145 7.34 21.30 16.20
N ARG A 146 6.69 20.31 16.82
CA ARG A 146 5.34 20.44 17.34
C ARG A 146 5.26 21.41 18.53
N ASP A 147 6.31 21.48 19.33
CA ASP A 147 6.20 22.31 20.54
C ASP A 147 6.71 23.72 20.25
N GLY A 148 7.22 23.96 19.04
CA GLY A 148 7.58 25.33 18.69
C GLY A 148 9.04 25.66 18.97
N SER A 149 9.78 24.73 19.61
CA SER A 149 11.16 24.99 20.02
C SER A 149 12.12 24.98 18.83
N TRP A 150 11.81 24.22 17.76
CA TRP A 150 12.56 24.31 16.52
C TRP A 150 12.02 25.52 15.74
N THR A 151 12.86 26.58 15.64
CA THR A 151 12.48 27.79 14.97
C THR A 151 13.22 27.94 13.63
N GLY A 152 12.55 28.65 12.73
CA GLY A 152 13.13 28.94 11.42
C GLY A 152 14.14 30.08 11.51
N TYR A 153 14.62 30.53 10.35
CA TYR A 153 15.79 31.41 10.32
C TYR A 153 15.50 32.80 10.88
N THR A 154 14.23 33.23 10.96
CA THR A 154 13.83 34.48 11.63
C THR A 154 13.28 34.26 13.06
N GLY A 155 13.41 33.04 13.61
CA GLY A 155 13.07 32.71 15.00
C GLY A 155 11.60 32.37 15.24
N LYS A 156 10.85 32.04 14.16
CA LYS A 156 9.45 31.68 14.26
C LYS A 156 9.29 30.16 14.25
N SER A 157 8.27 29.69 14.95
CA SER A 157 7.86 28.28 14.96
C SER A 157 7.43 27.89 13.54
N ILE A 158 7.56 26.58 13.27
CA ILE A 158 7.21 26.04 11.97
C ILE A 158 5.70 25.81 11.96
N THR A 159 5.05 26.15 10.83
CA THR A 159 3.62 26.00 10.64
C THR A 159 3.30 24.99 9.53
N ASP A 160 4.28 24.77 8.63
CA ASP A 160 4.07 23.94 7.45
C ASP A 160 5.29 23.07 7.22
N VAL A 161 5.04 21.78 6.92
CA VAL A 161 6.07 20.82 6.65
C VAL A 161 5.80 20.25 5.27
N VAL A 162 6.79 20.33 4.39
CA VAL A 162 6.63 19.87 3.02
C VAL A 162 7.56 18.69 2.82
N ASN A 163 6.95 17.53 2.56
CA ASN A 163 7.68 16.35 2.15
C ASN A 163 7.92 16.46 0.65
N ILE A 164 9.14 16.21 0.21
CA ILE A 164 9.48 16.15 -1.23
C ILE A 164 10.06 14.79 -1.52
N GLY A 165 9.36 14.01 -2.36
CA GLY A 165 9.79 12.66 -2.65
C GLY A 165 8.81 12.03 -3.63
N ILE A 166 9.12 10.85 -4.18
CA ILE A 166 8.18 10.27 -5.14
C ILE A 166 8.11 8.75 -4.93
N GLY A 167 7.00 8.16 -5.32
CA GLY A 167 6.85 6.71 -5.17
C GLY A 167 6.75 6.32 -3.69
N GLY A 168 7.60 5.37 -3.31
CA GLY A 168 7.68 4.89 -1.95
C GLY A 168 8.06 6.00 -0.98
N SER A 169 8.68 7.07 -1.48
CA SER A 169 9.08 8.18 -0.61
C SER A 169 8.01 9.26 -0.49
N ASP A 170 6.83 8.97 -1.03
CA ASP A 170 5.71 9.90 -1.07
C ASP A 170 4.39 9.26 -0.61
N LEU A 171 4.00 8.13 -1.23
CA LEU A 171 2.62 7.72 -1.13
C LEU A 171 2.21 7.24 0.27
N GLY A 172 3.14 6.59 0.99
CA GLY A 172 2.87 6.20 2.37
C GLY A 172 2.61 7.44 3.24
N PRO A 173 3.53 8.42 3.25
CA PRO A 173 3.29 9.64 4.03
C PRO A 173 1.97 10.32 3.67
N VAL A 174 1.65 10.41 2.38
CA VAL A 174 0.39 10.98 1.94
C VAL A 174 -0.80 10.21 2.54
N MET A 175 -0.83 8.91 2.29
CA MET A 175 -1.97 8.11 2.65
C MET A 175 -2.18 8.07 4.16
N VAL A 176 -1.08 7.98 4.91
CA VAL A 176 -1.16 7.80 6.35
C VAL A 176 -1.48 9.12 7.06
N THR A 177 -0.92 10.24 6.59
CA THR A 177 -1.34 11.53 7.12
C THR A 177 -2.82 11.82 6.82
N GLU A 178 -3.30 11.45 5.62
CA GLU A 178 -4.73 11.58 5.30
C GLU A 178 -5.57 10.69 6.22
N ALA A 179 -5.13 9.43 6.40
CA ALA A 179 -5.89 8.45 7.14
C ALA A 179 -6.01 8.81 8.62
N LEU A 180 -4.95 9.39 9.19
CA LEU A 180 -4.90 9.71 10.60
C LEU A 180 -5.04 11.20 10.89
N LYS A 181 -5.62 11.94 9.94
CA LYS A 181 -5.77 13.39 10.06
C LYS A 181 -6.59 13.79 11.30
N ALA A 182 -7.45 12.93 11.83
CA ALA A 182 -8.16 13.26 13.07
C ALA A 182 -7.20 13.52 14.24
N TYR A 183 -5.96 13.01 14.15
CA TYR A 183 -4.97 13.07 15.23
C TYR A 183 -4.02 14.25 15.10
N SER A 184 -4.27 15.12 14.10
CA SER A 184 -3.39 16.24 13.79
C SER A 184 -3.76 17.41 14.68
N LYS A 185 -2.99 18.49 14.65
CA LYS A 185 -3.36 19.64 15.48
C LYS A 185 -3.53 20.87 14.61
N PRO A 186 -4.46 21.77 15.00
CA PRO A 186 -4.68 22.96 14.19
C PRO A 186 -3.38 23.76 14.14
N GLY A 187 -3.14 24.39 12.99
CA GLY A 187 -1.99 25.26 12.81
C GLY A 187 -0.70 24.54 12.41
N LEU A 188 -0.67 23.18 12.34
CA LEU A 188 0.52 22.50 11.87
C LEU A 188 0.09 21.58 10.72
N ASN A 189 0.50 21.98 9.51
CA ASN A 189 0.00 21.39 8.28
C ASN A 189 1.14 20.65 7.59
N VAL A 190 0.80 19.55 6.86
CA VAL A 190 1.76 18.83 6.04
C VAL A 190 1.33 18.92 4.58
N HIS A 191 2.34 18.89 3.71
CA HIS A 191 2.16 19.02 2.27
C HIS A 191 3.12 18.06 1.61
N PHE A 192 2.82 17.71 0.35
CA PHE A 192 3.57 16.65 -0.33
C PHE A 192 3.79 17.04 -1.79
N ILE A 193 5.04 17.36 -2.14
CA ILE A 193 5.46 17.58 -3.53
C ILE A 193 6.11 16.31 -4.03
N SER A 194 5.66 15.80 -5.18
CA SER A 194 6.19 14.54 -5.67
C SER A 194 6.40 14.51 -7.19
N ASN A 195 5.37 14.92 -7.94
CA ASN A 195 5.46 14.95 -9.39
C ASN A 195 6.60 15.88 -9.84
N ILE A 196 7.36 15.51 -10.86
CA ILE A 196 8.29 16.47 -11.47
C ILE A 196 7.54 17.64 -12.13
N ASP A 197 6.30 17.41 -12.60
CA ASP A 197 5.48 18.45 -13.18
C ASP A 197 5.53 19.70 -12.29
N GLY A 198 5.99 20.83 -12.85
CA GLY A 198 6.22 22.02 -12.05
C GLY A 198 4.97 22.58 -11.41
N THR A 199 3.79 22.25 -11.96
CA THR A 199 2.54 22.51 -11.26
C THR A 199 2.60 22.09 -9.78
N HIS A 200 3.15 20.90 -9.49
CA HIS A 200 3.11 20.39 -8.12
C HIS A 200 3.88 21.32 -7.18
N THR A 201 5.05 21.78 -7.62
CA THR A 201 5.81 22.74 -6.80
C THR A 201 5.08 24.09 -6.68
N ALA A 202 4.62 24.62 -7.81
CA ALA A 202 4.07 25.98 -7.87
C ALA A 202 2.83 26.08 -7.00
N GLU A 203 1.93 25.08 -7.12
CA GLU A 203 0.68 25.13 -6.40
C GLU A 203 0.96 24.88 -4.90
N THR A 204 1.90 24.00 -4.57
CA THR A 204 2.12 23.65 -3.17
C THR A 204 2.69 24.85 -2.39
N LEU A 205 3.66 25.56 -2.98
CA LEU A 205 4.42 26.58 -2.27
C LEU A 205 3.75 27.96 -2.38
N LYS A 206 2.69 28.07 -3.20
CA LYS A 206 2.09 29.36 -3.55
C LYS A 206 1.80 30.21 -2.31
N ASN A 207 1.20 29.60 -1.31
CA ASN A 207 0.75 30.36 -0.15
C ASN A 207 1.59 30.11 1.10
N LEU A 208 2.75 29.45 1.00
CA LEU A 208 3.53 29.15 2.19
C LEU A 208 4.53 30.28 2.44
N ASN A 209 4.96 30.38 3.70
CA ASN A 209 5.94 31.37 4.12
C ASN A 209 7.28 30.67 4.34
N PRO A 210 8.35 31.02 3.61
CA PRO A 210 9.66 30.42 3.82
C PRO A 210 10.16 30.46 5.26
N GLU A 211 9.80 31.52 6.00
CA GLU A 211 10.20 31.64 7.39
C GLU A 211 9.61 30.56 8.31
N THR A 212 8.46 29.94 7.91
CA THR A 212 7.77 29.01 8.79
C THR A 212 7.50 27.68 8.09
N THR A 213 8.28 27.40 7.04
CA THR A 213 8.14 26.14 6.28
C THR A 213 9.39 25.31 6.42
N LEU A 214 9.20 24.01 6.72
CA LEU A 214 10.31 23.08 6.83
C LEU A 214 10.15 22.03 5.73
N PHE A 215 11.23 21.69 5.03
CA PHE A 215 11.15 20.66 4.01
C PHE A 215 11.81 19.38 4.50
N LEU A 216 11.19 18.24 4.12
CA LEU A 216 11.83 16.95 4.32
C LEU A 216 12.11 16.37 2.94
N ILE A 217 13.37 16.15 2.62
CA ILE A 217 13.70 15.59 1.32
C ILE A 217 13.80 14.09 1.50
N ALA A 218 12.80 13.38 0.97
CA ALA A 218 12.65 11.95 1.19
C ALA A 218 13.12 11.20 -0.05
N SER A 219 14.23 10.48 0.09
CA SER A 219 14.82 9.74 -1.01
C SER A 219 15.76 8.68 -0.44
N LYS A 220 15.43 7.40 -0.62
CA LYS A 220 16.35 6.32 -0.27
C LYS A 220 17.75 6.54 -0.88
N THR A 221 17.83 6.74 -2.21
CA THR A 221 19.11 6.89 -2.89
C THR A 221 19.66 8.30 -2.74
N PHE A 222 18.75 9.28 -2.66
CA PHE A 222 19.08 10.70 -2.76
C PHE A 222 19.66 11.05 -4.13
N THR A 223 19.24 10.32 -5.17
CA THR A 223 19.69 10.63 -6.52
C THR A 223 18.54 10.68 -7.52
N THR A 224 17.34 10.35 -7.09
CA THR A 224 16.20 10.33 -7.97
C THR A 224 16.04 11.70 -8.63
N ALA A 225 15.86 11.65 -9.94
CA ALA A 225 15.79 12.85 -10.76
C ALA A 225 14.72 13.82 -10.27
N GLU A 226 13.47 13.34 -10.17
CA GLU A 226 12.38 14.21 -9.85
C GLU A 226 12.64 14.86 -8.52
N THR A 227 13.04 14.03 -7.54
CA THR A 227 13.12 14.51 -6.18
C THR A 227 14.22 15.56 -6.02
N ILE A 228 15.38 15.29 -6.61
CA ILE A 228 16.50 16.23 -6.44
C ILE A 228 16.17 17.51 -7.20
N THR A 229 15.54 17.41 -8.37
CA THR A 229 15.07 18.59 -9.05
C THR A 229 14.05 19.37 -8.22
N ASN A 230 13.02 18.70 -7.68
CA ASN A 230 12.01 19.38 -6.89
C ASN A 230 12.70 20.02 -5.69
N ALA A 231 13.65 19.30 -5.08
CA ALA A 231 14.29 19.77 -3.85
C ALA A 231 15.10 21.04 -4.16
N THR A 232 15.79 21.03 -5.31
CA THR A 232 16.55 22.20 -5.78
C THR A 232 15.65 23.42 -6.00
N SER A 233 14.51 23.22 -6.67
CA SER A 233 13.55 24.26 -6.89
C SER A 233 12.98 24.80 -5.60
N ALA A 234 12.72 23.91 -4.62
CA ALA A 234 12.26 24.39 -3.33
C ALA A 234 13.35 25.20 -2.63
N LYS A 235 14.60 24.74 -2.72
CA LYS A 235 15.71 25.50 -2.12
C LYS A 235 15.80 26.88 -2.79
N ASN A 236 15.68 26.93 -4.13
CA ASN A 236 15.65 28.22 -4.81
C ASN A 236 14.54 29.14 -4.31
N TRP A 237 13.34 28.58 -4.13
CA TRP A 237 12.20 29.32 -3.59
C TRP A 237 12.53 29.85 -2.19
N PHE A 238 13.12 28.98 -1.37
CA PHE A 238 13.44 29.39 -0.02
C PHE A 238 14.45 30.55 -0.04
N LEU A 239 15.51 30.39 -0.84
CA LEU A 239 16.60 31.39 -0.86
C LEU A 239 16.16 32.69 -1.51
N ALA A 240 15.16 32.67 -2.38
CA ALA A 240 14.65 33.92 -2.97
C ALA A 240 14.25 34.87 -1.85
N THR A 241 13.76 34.34 -0.72
CA THR A 241 13.34 35.14 0.43
C THR A 241 14.46 35.20 1.47
N ALA A 242 15.05 34.04 1.80
CA ALA A 242 16.05 33.97 2.87
C ALA A 242 17.45 34.45 2.52
N LYS A 243 17.83 34.44 1.23
CA LYS A 243 19.05 35.07 0.71
C LYS A 243 20.30 34.23 1.00
N ASP A 244 20.53 33.90 2.25
CA ASP A 244 21.78 33.31 2.70
C ASP A 244 21.66 31.79 2.82
N SER A 245 22.60 31.05 2.24
CA SER A 245 22.56 29.59 2.28
C SER A 245 22.76 29.07 3.73
N LYS A 246 23.23 29.89 4.67
CA LYS A 246 23.43 29.40 6.03
C LYS A 246 22.08 29.05 6.69
N HIS A 247 20.98 29.62 6.18
CA HIS A 247 19.68 29.44 6.78
C HIS A 247 19.06 28.12 6.33
N ILE A 248 19.65 27.44 5.35
CA ILE A 248 19.11 26.16 4.90
C ILE A 248 19.00 25.15 6.05
N ALA A 249 19.98 25.19 6.98
CA ALA A 249 20.09 24.21 8.05
C ALA A 249 18.88 24.23 8.98
N LYS A 250 18.10 25.28 9.03
CA LYS A 250 16.93 25.32 9.89
C LYS A 250 15.68 24.91 9.12
N HIS A 251 15.82 24.66 7.80
CA HIS A 251 14.61 24.52 7.00
C HIS A 251 14.60 23.26 6.16
N PHE A 252 15.70 22.50 6.09
CA PHE A 252 15.77 21.31 5.26
C PHE A 252 16.37 20.14 6.05
N ALA A 253 15.64 19.02 6.06
CA ALA A 253 16.09 17.76 6.60
C ALA A 253 16.00 16.71 5.51
N ALA A 254 16.65 15.57 5.70
CA ALA A 254 16.69 14.51 4.71
C ALA A 254 16.30 13.18 5.36
N LEU A 255 15.48 12.40 4.62
CA LEU A 255 15.15 11.04 4.96
C LEU A 255 15.82 10.13 3.93
N SER A 256 16.89 9.41 4.28
CA SER A 256 17.69 8.79 3.23
C SER A 256 18.59 7.64 3.73
N THR A 257 19.14 6.88 2.77
CA THR A 257 20.18 5.90 3.10
C THR A 257 21.56 6.42 2.76
N ASN A 258 21.64 7.59 2.12
CA ASN A 258 22.83 7.99 1.37
C ASN A 258 23.36 9.28 1.97
N GLU A 259 24.10 9.15 3.09
CA GLU A 259 24.61 10.34 3.79
C GLU A 259 25.46 11.25 2.92
N LYS A 260 26.28 10.67 2.01
CA LYS A 260 27.23 11.47 1.23
C LYS A 260 26.46 12.43 0.30
N GLU A 261 25.41 11.91 -0.35
CA GLU A 261 24.61 12.73 -1.26
C GLU A 261 23.82 13.81 -0.52
N VAL A 262 23.33 13.49 0.69
CA VAL A 262 22.59 14.44 1.48
C VAL A 262 23.46 15.64 1.81
N VAL A 263 24.69 15.37 2.26
CA VAL A 263 25.59 16.46 2.69
C VAL A 263 25.98 17.29 1.47
N ALA A 264 26.30 16.57 0.38
CA ALA A 264 26.65 17.14 -0.92
C ALA A 264 25.55 18.07 -1.43
N PHE A 265 24.26 17.78 -1.10
CA PHE A 265 23.14 18.66 -1.44
C PHE A 265 23.12 19.89 -0.54
N GLY A 266 23.86 19.88 0.57
CA GLY A 266 23.89 21.02 1.47
C GLY A 266 22.98 20.87 2.69
N ILE A 267 22.50 19.65 2.99
CA ILE A 267 21.82 19.42 4.27
C ILE A 267 22.86 18.96 5.30
N ASP A 268 22.73 19.50 6.53
CA ASP A 268 23.47 19.12 7.73
C ASP A 268 23.21 17.65 8.12
N ALA A 269 24.30 16.89 8.34
CA ALA A 269 24.22 15.46 8.66
C ALA A 269 23.36 15.22 9.89
N LYS A 270 23.34 16.19 10.81
CA LYS A 270 22.57 16.09 12.04
C LYS A 270 21.06 16.04 11.71
N ASN A 271 20.67 16.54 10.53
CA ASN A 271 19.26 16.63 10.11
C ASN A 271 18.97 15.53 9.09
N MET A 272 19.77 14.48 9.10
CA MET A 272 19.50 13.28 8.32
C MET A 272 18.88 12.22 9.24
N PHE A 273 17.80 11.60 8.73
CA PHE A 273 17.12 10.50 9.37
C PHE A 273 17.29 9.30 8.47
N GLY A 274 18.09 8.34 8.93
CA GLY A 274 18.63 7.31 8.04
C GLY A 274 17.74 6.08 8.02
N PHE A 275 17.92 5.27 6.97
CA PHE A 275 17.39 3.92 6.96
C PHE A 275 18.31 3.11 6.07
N GLU A 276 18.02 1.82 5.89
CA GLU A 276 18.96 0.90 5.29
C GLU A 276 18.40 0.37 3.98
N SER A 277 19.29 -0.30 3.23
CA SER A 277 19.01 -0.83 1.91
C SER A 277 17.90 -1.87 1.94
N TRP A 278 17.69 -2.51 3.11
CA TRP A 278 16.74 -3.60 3.22
C TRP A 278 15.32 -3.09 3.48
N VAL A 279 15.11 -1.76 3.40
CA VAL A 279 13.78 -1.15 3.40
C VAL A 279 13.38 -0.81 1.97
N GLY A 280 12.47 -1.61 1.38
CA GLY A 280 11.93 -1.23 0.10
C GLY A 280 11.06 0.03 0.20
N GLY A 281 11.08 0.88 -0.85
CA GLY A 281 10.30 2.10 -0.84
C GLY A 281 8.83 1.88 -0.49
N ARG A 282 8.22 0.84 -1.09
CA ARG A 282 6.80 0.55 -0.92
C ARG A 282 6.51 -0.15 0.41
N TYR A 283 7.57 -0.34 1.22
CA TYR A 283 7.53 -0.84 2.56
C TYR A 283 8.20 0.14 3.52
N SER A 284 8.27 1.44 3.20
CA SER A 284 9.18 2.35 3.91
C SER A 284 8.52 3.32 4.87
N VAL A 285 7.18 3.44 4.88
CA VAL A 285 6.54 4.44 5.76
C VAL A 285 6.86 4.19 7.24
N TRP A 286 7.25 2.97 7.60
CA TRP A 286 7.56 2.56 8.98
C TRP A 286 8.91 3.11 9.43
N SER A 287 9.75 3.56 8.46
CA SER A 287 11.12 4.02 8.68
C SER A 287 11.13 5.53 8.90
N ALA A 288 12.32 6.13 8.73
CA ALA A 288 12.52 7.56 8.68
C ALA A 288 11.58 8.24 7.68
N ILE A 289 11.18 7.53 6.59
CA ILE A 289 10.25 8.07 5.61
C ILE A 289 8.93 8.51 6.22
N GLY A 290 8.51 7.91 7.35
CA GLY A 290 7.32 8.30 8.07
C GLY A 290 7.49 9.54 8.97
N LEU A 291 8.61 10.27 8.87
CA LEU A 291 8.81 11.44 9.73
C LEU A 291 7.67 12.47 9.59
N SER A 292 7.17 12.75 8.38
CA SER A 292 6.03 13.64 8.23
C SER A 292 4.84 13.20 9.08
N VAL A 293 4.62 11.89 9.19
CA VAL A 293 3.53 11.34 10.01
C VAL A 293 3.76 11.69 11.48
N ALA A 294 4.97 11.42 11.97
CA ALA A 294 5.31 11.71 13.37
C ALA A 294 5.13 13.19 13.67
N ILE A 295 5.53 14.04 12.74
CA ILE A 295 5.35 15.48 12.93
C ILE A 295 3.86 15.82 12.94
N TYR A 296 3.08 15.28 11.99
CA TYR A 296 1.67 15.69 11.87
C TYR A 296 0.81 15.25 13.06
N ILE A 297 0.96 14.00 13.51
CA ILE A 297 0.08 13.45 14.54
C ILE A 297 0.84 13.16 15.83
N GLY A 298 2.15 13.40 15.90
CA GLY A 298 2.93 13.15 17.11
C GLY A 298 3.61 11.79 17.09
N PHE A 299 4.80 11.72 17.70
CA PHE A 299 5.59 10.50 17.64
C PHE A 299 4.87 9.35 18.31
N GLU A 300 4.18 9.61 19.46
CA GLU A 300 3.50 8.55 20.18
C GLU A 300 2.45 7.86 19.28
N ASN A 301 1.69 8.65 18.51
CA ASN A 301 0.75 8.05 17.56
C ASN A 301 1.47 7.26 16.47
N PHE A 302 2.56 7.81 15.93
CA PHE A 302 3.39 7.11 14.97
C PHE A 302 3.87 5.77 15.56
N ASN A 303 4.32 5.79 16.83
CA ASN A 303 4.79 4.59 17.48
C ASN A 303 3.68 3.55 17.64
N ASP A 304 2.44 4.02 17.90
CA ASP A 304 1.28 3.15 18.02
C ASP A 304 0.97 2.48 16.70
N PHE A 305 1.19 3.23 15.62
CA PHE A 305 1.04 2.70 14.27
C PHE A 305 2.07 1.61 14.02
N LEU A 306 3.34 1.84 14.39
CA LEU A 306 4.35 0.78 14.30
C LEU A 306 3.96 -0.45 15.13
N LYS A 307 3.47 -0.25 16.37
CA LYS A 307 3.13 -1.39 17.20
C LYS A 307 1.97 -2.20 16.63
N GLY A 308 1.08 -1.55 15.90
CA GLY A 308 0.02 -2.26 15.21
C GLY A 308 0.58 -3.17 14.12
N ALA A 309 1.57 -2.66 13.38
CA ALA A 309 2.23 -3.49 12.36
C ALA A 309 2.94 -4.67 13.04
N GLU A 310 3.68 -4.40 14.11
CA GLU A 310 4.36 -5.44 14.87
C GLU A 310 3.44 -6.57 15.33
N ALA A 311 2.26 -6.22 15.84
CA ALA A 311 1.32 -7.24 16.28
C ALA A 311 0.86 -8.10 15.10
N MET A 312 0.62 -7.49 13.91
CA MET A 312 0.19 -8.28 12.76
C MET A 312 1.37 -9.15 12.28
N ASP A 313 2.60 -8.65 12.38
CA ASP A 313 3.81 -9.42 12.07
C ASP A 313 3.87 -10.69 12.92
N GLN A 314 3.62 -10.52 14.23
CA GLN A 314 3.63 -11.64 15.16
C GLN A 314 2.53 -12.65 14.82
N HIS A 315 1.33 -12.14 14.45
CA HIS A 315 0.27 -13.03 14.00
C HIS A 315 0.70 -13.85 12.78
N PHE A 316 1.22 -13.17 11.74
CA PHE A 316 1.70 -13.85 10.53
C PHE A 316 2.81 -14.85 10.82
N LEU A 317 3.72 -14.49 11.72
CA LEU A 317 4.85 -15.36 12.03
C LEU A 317 4.46 -16.64 12.77
N THR A 318 3.45 -16.57 13.65
CA THR A 318 3.25 -17.57 14.69
C THR A 318 2.02 -18.43 14.46
N THR A 319 1.18 -18.08 13.46
CA THR A 319 -0.13 -18.71 13.33
C THR A 319 -0.05 -19.81 12.29
N PRO A 320 -0.56 -21.02 12.57
CA PRO A 320 -0.72 -22.02 11.53
C PRO A 320 -1.48 -21.47 10.33
N LEU A 321 -1.10 -21.97 9.14
CA LEU A 321 -1.56 -21.38 7.89
C LEU A 321 -3.09 -21.30 7.82
N GLU A 322 -3.79 -22.36 8.29
CA GLU A 322 -5.24 -22.41 8.14
C GLU A 322 -5.98 -21.34 8.95
N ASN A 323 -5.32 -20.64 9.87
CA ASN A 323 -5.92 -19.57 10.67
C ASN A 323 -5.15 -18.26 10.56
N ASN A 324 -4.24 -18.22 9.59
CA ASN A 324 -3.32 -17.11 9.42
C ASN A 324 -3.96 -16.12 8.45
N ILE A 325 -4.39 -14.97 8.98
CA ILE A 325 -5.32 -14.09 8.27
C ILE A 325 -4.73 -13.57 6.98
N PRO A 326 -3.51 -12.98 6.95
CA PRO A 326 -2.93 -12.52 5.67
C PRO A 326 -2.72 -13.65 4.67
N VAL A 327 -2.36 -14.85 5.14
CA VAL A 327 -2.23 -15.99 4.25
C VAL A 327 -3.56 -16.34 3.59
N ILE A 328 -4.64 -16.39 4.37
CA ILE A 328 -5.95 -16.71 3.78
C ILE A 328 -6.28 -15.68 2.69
N GLY A 329 -6.12 -14.40 2.98
CA GLY A 329 -6.33 -13.36 1.99
C GLY A 329 -5.52 -13.58 0.70
N GLY A 330 -4.25 -13.96 0.87
CA GLY A 330 -3.36 -14.18 -0.25
C GLY A 330 -3.76 -15.41 -1.06
N LEU A 331 -4.17 -16.46 -0.36
CA LEU A 331 -4.65 -17.69 -1.02
C LEU A 331 -5.91 -17.39 -1.84
N LEU A 332 -6.83 -16.58 -1.34
CA LEU A 332 -8.04 -16.27 -2.12
C LEU A 332 -7.67 -15.47 -3.37
N SER A 333 -6.69 -14.56 -3.27
CA SER A 333 -6.24 -13.80 -4.43
C SER A 333 -5.71 -14.75 -5.50
N VAL A 334 -4.89 -15.74 -5.11
CA VAL A 334 -4.33 -16.69 -6.07
C VAL A 334 -5.50 -17.46 -6.69
N TRP A 335 -6.46 -17.90 -5.87
CA TRP A 335 -7.63 -18.60 -6.36
C TRP A 335 -8.33 -17.83 -7.49
N TYR A 336 -8.62 -16.55 -7.25
CA TYR A 336 -9.29 -15.76 -8.27
C TYR A 336 -8.42 -15.48 -9.48
N ASN A 337 -7.15 -15.07 -9.25
CA ASN A 337 -6.24 -14.67 -10.32
C ASN A 337 -5.95 -15.84 -11.26
N ASN A 338 -5.62 -16.99 -10.67
CA ASN A 338 -5.03 -18.08 -11.42
C ASN A 338 -6.03 -19.16 -11.80
N PHE A 339 -7.20 -19.22 -11.15
CA PHE A 339 -8.17 -20.28 -11.42
C PHE A 339 -9.41 -19.66 -12.08
N PHE A 340 -9.92 -18.54 -11.56
CA PHE A 340 -11.02 -17.85 -12.22
C PHE A 340 -10.56 -16.95 -13.36
N GLY A 341 -9.28 -16.51 -13.35
CA GLY A 341 -8.78 -15.61 -14.37
C GLY A 341 -9.25 -14.18 -14.18
N ALA A 342 -9.61 -13.81 -12.94
CA ALA A 342 -9.93 -12.41 -12.63
C ALA A 342 -8.64 -11.60 -12.58
N GLN A 343 -8.52 -10.55 -13.40
CA GLN A 343 -7.26 -9.82 -13.49
C GLN A 343 -7.13 -8.73 -12.42
N THR A 344 -8.24 -8.39 -11.76
CA THR A 344 -8.24 -7.24 -10.86
C THR A 344 -8.62 -7.61 -9.43
N HIS A 345 -8.35 -6.66 -8.54
CA HIS A 345 -8.79 -6.75 -7.17
C HIS A 345 -9.17 -5.35 -6.73
N LEU A 346 -10.39 -5.25 -6.20
CA LEU A 346 -10.96 -3.98 -5.80
C LEU A 346 -10.82 -3.80 -4.30
N VAL A 347 -10.43 -2.60 -3.87
CA VAL A 347 -10.36 -2.27 -2.44
C VAL A 347 -11.16 -0.99 -2.20
N VAL A 348 -12.15 -1.07 -1.30
CA VAL A 348 -13.11 0.01 -1.07
C VAL A 348 -13.23 0.29 0.40
N PRO A 349 -12.57 1.36 0.88
CA PRO A 349 -12.76 1.80 2.26
C PRO A 349 -14.07 2.58 2.36
N PHE A 350 -14.91 2.20 3.32
CA PHE A 350 -16.12 2.95 3.62
C PHE A 350 -15.73 3.99 4.68
N ASP A 351 -14.85 4.87 4.24
CA ASP A 351 -14.07 5.71 5.12
C ASP A 351 -13.38 6.77 4.28
N GLN A 352 -13.79 8.02 4.47
CA GLN A 352 -13.26 9.13 3.68
C GLN A 352 -11.79 9.39 4.04
N TYR A 353 -11.42 9.33 5.34
CA TYR A 353 -10.00 9.46 5.69
C TYR A 353 -9.11 8.52 4.90
N LEU A 354 -9.58 7.29 4.64
CA LEU A 354 -8.79 6.31 3.90
CA LEU A 354 -8.82 6.29 3.90
C LEU A 354 -8.90 6.44 2.38
N HIS A 355 -9.17 7.65 1.90
CA HIS A 355 -9.34 7.84 0.46
C HIS A 355 -8.14 7.51 -0.41
N ARG A 356 -6.92 7.54 0.14
CA ARG A 356 -5.73 7.21 -0.64
C ARG A 356 -5.22 5.82 -0.27
N PHE A 357 -6.00 5.04 0.47
CA PHE A 357 -5.62 3.68 0.85
C PHE A 357 -5.54 2.78 -0.38
N PRO A 358 -6.55 2.76 -1.26
CA PRO A 358 -6.44 1.98 -2.48
C PRO A 358 -5.19 2.31 -3.31
N ALA A 359 -4.83 3.58 -3.42
CA ALA A 359 -3.69 3.96 -4.27
C ALA A 359 -2.40 3.43 -3.63
N TYR A 360 -2.35 3.50 -2.30
CA TYR A 360 -1.19 2.96 -1.60
C TYR A 360 -1.06 1.46 -1.83
N LEU A 361 -2.17 0.74 -1.68
CA LEU A 361 -2.15 -0.71 -1.87
C LEU A 361 -1.81 -1.02 -3.31
N GLN A 362 -2.23 -0.17 -4.26
CA GLN A 362 -1.92 -0.41 -5.68
C GLN A 362 -0.41 -0.48 -5.88
N GLN A 363 0.33 0.45 -5.27
CA GLN A 363 1.77 0.41 -5.34
C GLN A 363 2.28 -0.87 -4.69
N LEU A 364 1.90 -1.08 -3.43
CA LEU A 364 2.40 -2.22 -2.66
C LEU A 364 2.20 -3.49 -3.46
N SER A 365 0.97 -3.66 -3.93
CA SER A 365 0.64 -4.91 -4.60
C SER A 365 1.36 -5.08 -5.95
N MET A 366 1.12 -4.11 -6.81
CA MET A 366 1.48 -4.27 -8.22
C MET A 366 2.99 -4.12 -8.42
N GLU A 367 3.63 -3.21 -7.68
CA GLU A 367 5.07 -3.11 -7.75
C GLU A 367 5.75 -4.33 -7.15
N SER A 368 5.17 -4.95 -6.11
CA SER A 368 5.75 -6.20 -5.60
C SER A 368 5.56 -7.35 -6.58
N ASN A 369 4.34 -7.55 -7.07
CA ASN A 369 4.01 -8.83 -7.69
C ASN A 369 3.84 -8.78 -9.20
N GLY A 370 4.09 -7.62 -9.82
CA GLY A 370 4.09 -7.54 -11.27
C GLY A 370 5.43 -7.98 -11.87
N LYS A 371 5.64 -9.32 -11.91
CA LYS A 371 6.88 -9.95 -12.28
C LYS A 371 6.56 -11.14 -13.18
N SER A 372 7.51 -11.46 -14.06
CA SER A 372 7.36 -12.57 -15.00
C SER A 372 8.43 -13.65 -14.82
N VAL A 373 9.28 -13.53 -13.79
CA VAL A 373 10.41 -14.45 -13.61
C VAL A 373 10.43 -14.94 -12.18
N THR A 374 10.66 -16.27 -12.02
CA THR A 374 10.65 -16.89 -10.70
C THR A 374 12.03 -16.89 -10.04
N ARG A 375 12.06 -17.32 -8.77
CA ARG A 375 13.28 -17.49 -7.99
C ARG A 375 14.17 -18.55 -8.59
N ALA A 376 13.65 -19.41 -9.47
CA ALA A 376 14.48 -20.36 -10.19
C ALA A 376 15.01 -19.76 -11.50
N ASN A 377 14.71 -18.45 -11.74
CA ASN A 377 15.25 -17.69 -12.85
C ASN A 377 14.77 -18.25 -14.18
N VAL A 378 13.48 -18.64 -14.20
CA VAL A 378 12.79 -19.00 -15.42
C VAL A 378 11.54 -18.13 -15.53
N PHE A 379 11.07 -17.98 -16.76
CA PHE A 379 9.85 -17.22 -17.00
C PHE A 379 8.62 -18.02 -16.53
N THR A 380 7.64 -17.26 -16.02
CA THR A 380 6.38 -17.86 -15.61
C THR A 380 5.58 -18.24 -16.87
N ASN A 381 4.68 -19.23 -16.73
CA ASN A 381 3.69 -19.56 -17.75
C ASN A 381 2.29 -19.50 -17.10
N TYR A 382 2.10 -18.55 -16.17
CA TYR A 382 0.86 -18.39 -15.46
C TYR A 382 0.85 -16.94 -14.96
N GLN A 383 -0.34 -16.49 -14.56
CA GLN A 383 -0.54 -15.12 -14.10
C GLN A 383 0.11 -14.88 -12.76
N THR A 384 0.70 -13.69 -12.68
CA THR A 384 1.18 -13.16 -11.40
C THR A 384 0.28 -12.02 -10.98
N GLY A 385 0.89 -10.95 -10.47
CA GLY A 385 0.16 -9.90 -9.78
C GLY A 385 -1.09 -9.44 -10.52
N THR A 386 -2.10 -9.13 -9.71
CA THR A 386 -3.35 -8.58 -10.18
C THR A 386 -3.24 -7.06 -10.31
N ILE A 387 -4.24 -6.48 -10.96
CA ILE A 387 -4.34 -5.02 -11.03
C ILE A 387 -5.28 -4.58 -9.92
N LEU A 388 -4.79 -3.71 -9.04
CA LEU A 388 -5.57 -3.29 -7.89
C LEU A 388 -6.14 -1.91 -8.21
N PHE A 389 -7.36 -1.64 -7.75
CA PHE A 389 -7.97 -0.33 -7.95
C PHE A 389 -8.98 -0.11 -6.82
N GLY A 390 -9.46 1.12 -6.71
CA GLY A 390 -10.51 1.42 -5.78
C GLY A 390 -10.62 2.90 -5.48
N GLU A 391 -11.76 3.20 -4.87
CA GLU A 391 -12.09 4.53 -4.35
C GLU A 391 -12.92 4.31 -3.10
N PRO A 392 -13.04 5.31 -2.21
CA PRO A 392 -13.91 5.15 -1.07
C PRO A 392 -15.37 5.04 -1.45
N ALA A 393 -16.09 4.31 -0.58
CA ALA A 393 -17.54 4.35 -0.53
C ALA A 393 -17.96 5.41 0.50
N THR A 394 -19.15 6.00 0.34
CA THR A 394 -20.18 5.51 -0.58
C THR A 394 -20.07 6.02 -2.04
N ASN A 395 -19.15 6.94 -2.31
CA ASN A 395 -18.98 7.49 -3.67
C ASN A 395 -18.93 6.41 -4.75
N ALA A 396 -18.11 5.38 -4.48
CA ALA A 396 -17.89 4.33 -5.46
C ALA A 396 -19.17 3.62 -5.85
N GLN A 397 -20.17 3.56 -4.97
CA GLN A 397 -21.46 2.91 -5.22
C GLN A 397 -22.26 3.56 -6.36
N HIS A 398 -22.01 4.86 -6.56
CA HIS A 398 -22.73 5.68 -7.50
C HIS A 398 -22.05 5.71 -8.87
N SER A 399 -20.89 5.04 -8.94
CA SER A 399 -19.88 5.18 -9.98
C SER A 399 -19.70 3.81 -10.63
N PHE A 400 -18.53 3.26 -10.35
CA PHE A 400 -18.17 2.05 -11.07
C PHE A 400 -18.78 0.80 -10.45
N PHE A 401 -19.44 0.92 -9.29
CA PHE A 401 -20.19 -0.19 -8.74
C PHE A 401 -21.25 -0.70 -9.71
N GLN A 402 -21.69 0.12 -10.66
CA GLN A 402 -22.58 -0.39 -11.71
C GLN A 402 -21.97 -1.63 -12.36
N LEU A 403 -20.67 -1.55 -12.69
CA LEU A 403 -20.00 -2.64 -13.39
C LEU A 403 -19.75 -3.80 -12.43
N VAL A 404 -19.38 -3.48 -11.19
CA VAL A 404 -19.20 -4.51 -10.16
C VAL A 404 -20.45 -5.36 -9.99
N HIS A 405 -21.63 -4.74 -10.03
CA HIS A 405 -22.90 -5.46 -9.89
C HIS A 405 -23.39 -6.15 -11.15
N GLN A 406 -23.26 -5.50 -12.33
CA GLN A 406 -23.95 -5.98 -13.54
C GLN A 406 -23.06 -6.18 -14.76
N GLY A 407 -21.75 -6.01 -14.65
CA GLY A 407 -20.84 -6.23 -15.76
C GLY A 407 -20.51 -7.69 -15.91
N THR A 408 -19.56 -7.93 -16.80
CA THR A 408 -19.21 -9.29 -17.25
C THR A 408 -17.90 -9.78 -16.63
N LYS A 409 -17.31 -9.00 -15.72
CA LYS A 409 -16.00 -9.30 -15.13
C LYS A 409 -16.15 -9.68 -13.66
N LEU A 410 -15.44 -10.75 -13.25
CA LEU A 410 -15.34 -11.09 -11.83
C LEU A 410 -14.32 -10.16 -11.19
N ILE A 411 -14.74 -9.46 -10.13
CA ILE A 411 -13.91 -8.48 -9.46
C ILE A 411 -13.96 -8.75 -7.96
N PRO A 412 -13.04 -9.61 -7.48
CA PRO A 412 -12.92 -9.82 -6.03
C PRO A 412 -12.71 -8.45 -5.36
N ALA A 413 -13.38 -8.24 -4.23
CA ALA A 413 -13.40 -6.94 -3.59
C ALA A 413 -13.25 -7.08 -2.08
N ASP A 414 -12.56 -6.09 -1.49
CA ASP A 414 -12.39 -5.97 -0.07
C ASP A 414 -13.09 -4.68 0.33
N PHE A 415 -14.03 -4.78 1.26
CA PHE A 415 -14.69 -3.60 1.82
C PHE A 415 -14.23 -3.45 3.26
N ILE A 416 -13.94 -2.21 3.68
CA ILE A 416 -13.41 -1.92 5.00
C ILE A 416 -14.27 -0.85 5.68
N LEU A 417 -14.69 -1.07 6.91
CA LEU A 417 -15.47 -0.12 7.69
C LEU A 417 -14.97 -0.10 9.13
N ALA A 418 -14.91 1.11 9.72
CA ALA A 418 -14.82 1.27 11.18
C ALA A 418 -16.21 1.37 11.81
N ALA A 419 -16.41 0.65 12.93
CA ALA A 419 -17.69 0.71 13.62
C ALA A 419 -17.90 2.11 14.23
N GLN A 420 -16.80 2.74 14.66
CA GLN A 420 -16.83 4.09 15.23
C GLN A 420 -16.12 5.09 14.32
N SER A 421 -16.75 6.25 14.15
CA SER A 421 -16.24 7.40 13.43
C SER A 421 -15.45 8.30 14.38
N HIS A 422 -14.37 8.92 13.87
CA HIS A 422 -13.73 10.02 14.57
C HIS A 422 -14.61 11.27 14.55
N ASN A 423 -15.63 11.28 13.67
CA ASN A 423 -16.46 12.46 13.45
C ASN A 423 -17.94 12.10 13.50
N PRO A 424 -18.45 11.66 14.67
CA PRO A 424 -19.80 11.12 14.75
C PRO A 424 -20.88 12.20 14.82
N ILE A 425 -20.88 13.07 13.83
CA ILE A 425 -21.73 14.25 13.80
C ILE A 425 -23.19 13.83 13.77
N GLU A 426 -24.05 14.80 14.14
CA GLU A 426 -25.50 14.57 14.09
C GLU A 426 -25.88 13.26 14.80
N LYS A 427 -25.38 13.08 16.02
CA LYS A 427 -25.67 11.93 16.86
C LYS A 427 -25.49 10.63 16.08
N ASN A 428 -24.39 10.61 15.29
CA ASN A 428 -23.99 9.41 14.57
C ASN A 428 -24.86 9.04 13.39
N LEU A 429 -25.73 9.97 12.92
CA LEU A 429 -26.61 9.67 11.81
C LEU A 429 -25.82 9.26 10.56
N HIS A 430 -24.79 10.01 10.27
CA HIS A 430 -24.01 9.80 9.04
C HIS A 430 -23.28 8.47 9.14
N GLN A 431 -22.78 8.13 10.34
CA GLN A 431 -22.06 6.87 10.55
C GLN A 431 -23.01 5.67 10.38
N ARG A 432 -24.25 5.76 10.90
CA ARG A 432 -25.20 4.67 10.76
C ARG A 432 -25.52 4.46 9.27
N MET A 433 -25.67 5.54 8.54
CA MET A 433 -25.99 5.43 7.11
C MET A 433 -24.81 4.82 6.36
N LEU A 434 -23.60 5.32 6.64
CA LEU A 434 -22.39 4.74 6.04
C LEU A 434 -22.32 3.24 6.29
N ALA A 435 -22.52 2.81 7.54
CA ALA A 435 -22.40 1.40 7.89
C ALA A 435 -23.48 0.58 7.20
N SER A 436 -24.69 1.14 7.10
CA SER A 436 -25.77 0.39 6.46
C SER A 436 -25.41 0.07 5.01
N ASN A 437 -24.74 1.02 4.36
CA ASN A 437 -24.28 0.80 2.98
C ASN A 437 -23.23 -0.33 2.87
N PHE A 438 -22.27 -0.32 3.80
CA PHE A 438 -21.26 -1.36 3.91
C PHE A 438 -21.91 -2.73 3.95
N PHE A 439 -22.88 -2.92 4.85
CA PHE A 439 -23.51 -4.23 4.96
C PHE A 439 -24.32 -4.55 3.71
N ALA A 440 -25.10 -3.57 3.23
CA ALA A 440 -26.10 -3.86 2.22
C ALA A 440 -25.42 -4.15 0.88
N GLN A 441 -24.28 -3.48 0.60
CA GLN A 441 -23.59 -3.65 -0.69
C GLN A 441 -23.04 -5.07 -0.83
N SER A 442 -22.38 -5.56 0.24
CA SER A 442 -21.85 -6.91 0.15
C SER A 442 -22.98 -7.94 0.12
N GLU A 443 -24.07 -7.67 0.87
CA GLU A 443 -25.24 -8.54 0.82
C GLU A 443 -25.76 -8.64 -0.63
N ALA A 444 -25.93 -7.49 -1.26
CA ALA A 444 -26.50 -7.44 -2.62
C ALA A 444 -25.60 -8.13 -3.64
N LEU A 445 -24.27 -7.97 -3.52
CA LEU A 445 -23.35 -8.63 -4.44
C LEU A 445 -23.48 -10.14 -4.33
N MET A 446 -23.79 -10.64 -3.13
CA MET A 446 -23.96 -12.07 -2.95
CA MET A 446 -23.96 -12.08 -2.96
C MET A 446 -25.36 -12.54 -3.39
N VAL A 447 -26.41 -11.84 -2.92
CA VAL A 447 -27.79 -12.34 -3.11
C VAL A 447 -28.29 -12.14 -4.54
N GLY A 448 -27.92 -11.01 -5.15
CA GLY A 448 -28.44 -10.69 -6.47
C GLY A 448 -29.97 -10.58 -6.47
N LYS A 449 -30.55 -10.70 -7.67
CA LYS A 449 -32.00 -10.46 -7.86
C LYS A 449 -32.40 -11.20 -9.12
N ASP A 450 -33.16 -12.28 -8.94
CA ASP A 450 -33.44 -13.15 -10.06
C ASP A 450 -34.64 -12.64 -10.86
N GLU A 451 -34.87 -13.36 -11.95
CA GLU A 451 -35.92 -13.00 -12.90
C GLU A 451 -37.27 -12.87 -12.19
N ALA A 452 -37.59 -13.85 -11.34
CA ALA A 452 -38.90 -13.87 -10.69
C ALA A 452 -39.08 -12.65 -9.80
N LYS A 453 -38.01 -12.21 -9.11
CA LYS A 453 -38.10 -11.06 -8.23
C LYS A 453 -38.26 -9.78 -9.04
N VAL A 454 -37.55 -9.69 -10.17
CA VAL A 454 -37.69 -8.53 -11.03
C VAL A 454 -39.13 -8.39 -11.51
N LYS A 455 -39.72 -9.51 -11.92
CA LYS A 455 -41.12 -9.50 -12.32
C LYS A 455 -42.05 -9.12 -11.18
N ALA A 456 -41.87 -9.68 -9.99
CA ALA A 456 -42.70 -9.35 -8.83
C ALA A 456 -42.63 -7.86 -8.51
N GLU A 457 -41.47 -7.25 -8.78
CA GLU A 457 -41.25 -5.85 -8.49
C GLU A 457 -41.83 -4.95 -9.60
N GLY A 458 -42.34 -5.53 -10.68
CA GLY A 458 -43.18 -4.78 -11.61
C GLY A 458 -42.67 -4.69 -13.04
N ALA A 459 -41.45 -5.19 -13.35
CA ALA A 459 -40.96 -5.15 -14.72
C ALA A 459 -41.66 -6.23 -15.56
N THR A 460 -41.87 -5.90 -16.86
CA THR A 460 -42.46 -6.82 -17.82
C THR A 460 -41.62 -6.82 -19.10
N GLY A 461 -41.76 -7.93 -19.83
CA GLY A 461 -41.27 -8.03 -21.19
C GLY A 461 -39.76 -7.81 -21.20
N GLY A 462 -39.32 -6.98 -22.15
CA GLY A 462 -37.88 -6.90 -22.39
C GLY A 462 -37.11 -6.10 -21.34
N LEU A 463 -37.79 -5.37 -20.45
CA LEU A 463 -37.07 -4.66 -19.39
C LEU A 463 -36.46 -5.65 -18.37
N VAL A 464 -37.09 -6.81 -18.16
CA VAL A 464 -36.77 -7.65 -17.01
C VAL A 464 -35.27 -7.96 -16.93
N PRO A 465 -34.61 -8.48 -17.99
CA PRO A 465 -33.21 -8.93 -17.84
C PRO A 465 -32.28 -7.80 -17.41
N HIS A 466 -32.59 -6.59 -17.88
CA HIS A 466 -31.83 -5.38 -17.58
C HIS A 466 -31.75 -5.09 -16.08
N LYS A 467 -32.76 -5.54 -15.34
CA LYS A 467 -32.86 -5.25 -13.91
C LYS A 467 -32.46 -6.45 -13.03
N GLU A 468 -32.01 -7.55 -13.65
CA GLU A 468 -31.54 -8.74 -12.92
C GLU A 468 -30.12 -8.48 -12.41
N PHE A 469 -29.77 -9.16 -11.29
CA PHE A 469 -28.42 -9.15 -10.74
C PHE A 469 -28.05 -10.61 -10.50
N SER A 470 -26.92 -11.02 -11.04
CA SER A 470 -26.47 -12.40 -10.92
C SER A 470 -26.31 -12.86 -9.45
N GLY A 471 -25.86 -11.96 -8.57
CA GLY A 471 -25.31 -12.32 -7.29
C GLY A 471 -24.10 -13.26 -7.46
N ASN A 472 -23.73 -13.90 -6.37
CA ASN A 472 -22.56 -14.75 -6.25
CA ASN A 472 -22.57 -14.76 -6.35
C ASN A 472 -21.31 -13.99 -6.67
N ARG A 473 -21.34 -12.69 -6.40
CA ARG A 473 -20.17 -11.84 -6.63
C ARG A 473 -19.44 -11.68 -5.30
N PRO A 474 -18.16 -12.08 -5.22
CA PRO A 474 -17.50 -12.21 -3.93
C PRO A 474 -17.00 -10.90 -3.33
N THR A 475 -17.07 -10.85 -1.99
CA THR A 475 -16.47 -9.77 -1.20
C THR A 475 -15.80 -10.38 0.03
N THR A 476 -14.81 -9.65 0.55
CA THR A 476 -14.26 -9.78 1.86
C THR A 476 -14.66 -8.53 2.61
N SER A 477 -15.19 -8.70 3.83
CA SER A 477 -15.52 -7.54 4.64
C SER A 477 -14.58 -7.51 5.83
N ILE A 478 -14.00 -6.34 6.06
CA ILE A 478 -13.09 -6.10 7.16
C ILE A 478 -13.70 -5.00 8.00
N LEU A 479 -14.05 -5.36 9.24
CA LEU A 479 -14.69 -4.47 10.20
C LEU A 479 -13.73 -4.22 11.36
N ALA A 480 -13.34 -2.95 11.50
CA ALA A 480 -12.52 -2.55 12.61
C ALA A 480 -13.42 -1.88 13.63
N GLN A 481 -12.90 -1.73 14.84
CA GLN A 481 -13.63 -0.96 15.84
C GLN A 481 -13.54 0.53 15.52
N LYS A 482 -12.31 0.97 15.21
CA LYS A 482 -12.05 2.35 14.89
C LYS A 482 -10.72 2.42 14.15
N ILE A 483 -10.58 3.29 13.15
CA ILE A 483 -9.30 3.45 12.46
C ILE A 483 -8.39 4.38 13.26
N THR A 484 -7.78 3.77 14.26
CA THR A 484 -6.72 4.35 15.08
C THR A 484 -5.38 4.15 14.38
N PRO A 485 -4.29 4.79 14.87
CA PRO A 485 -2.94 4.49 14.37
C PRO A 485 -2.61 2.99 14.40
N ALA A 486 -2.92 2.33 15.53
CA ALA A 486 -2.65 0.92 15.72
C ALA A 486 -3.41 0.09 14.68
N THR A 487 -4.69 0.40 14.47
CA THR A 487 -5.51 -0.33 13.51
C THR A 487 -4.95 -0.18 12.10
N LEU A 488 -4.61 1.05 11.71
CA LEU A 488 -4.06 1.27 10.37
C LEU A 488 -2.74 0.48 10.23
N GLY A 489 -1.89 0.49 11.29
CA GLY A 489 -0.63 -0.24 11.24
C GLY A 489 -0.89 -1.71 10.93
N SER A 490 -1.84 -2.29 11.66
CA SER A 490 -2.16 -3.69 11.45
C SER A 490 -2.73 -3.92 10.05
N LEU A 491 -3.59 -3.00 9.56
CA LEU A 491 -4.19 -3.18 8.25
C LEU A 491 -3.13 -3.17 7.14
N ILE A 492 -2.19 -2.20 7.21
CA ILE A 492 -1.18 -2.16 6.16
C ILE A 492 -0.38 -3.47 6.20
N ALA A 493 0.06 -3.86 7.41
CA ALA A 493 0.87 -5.07 7.55
C ALA A 493 0.10 -6.29 7.04
N TYR A 494 -1.21 -6.31 7.22
CA TYR A 494 -2.02 -7.40 6.66
C TYR A 494 -1.75 -7.52 5.17
N TYR A 495 -1.92 -6.40 4.47
CA TYR A 495 -1.76 -6.34 3.03
C TYR A 495 -0.33 -6.63 2.62
N GLU A 496 0.66 -6.14 3.40
CA GLU A 496 2.05 -6.53 3.15
C GLU A 496 2.19 -8.04 3.12
N HIS A 497 1.62 -8.71 4.13
CA HIS A 497 1.81 -10.15 4.28
C HIS A 497 0.94 -10.95 3.33
N LEU A 498 -0.22 -10.38 2.96
CA LEU A 498 -1.02 -10.93 1.88
C LEU A 498 -0.21 -10.93 0.58
N THR A 499 0.39 -9.79 0.26
CA THR A 499 1.26 -9.62 -0.92
C THR A 499 2.40 -10.67 -0.89
N PHE A 500 2.97 -10.87 0.31
CA PHE A 500 4.07 -11.79 0.52
C PHE A 500 3.60 -13.18 0.11
N THR A 501 2.43 -13.54 0.61
CA THR A 501 1.90 -14.87 0.41
C THR A 501 1.76 -15.17 -1.09
N GLU A 502 1.03 -14.28 -1.78
CA GLU A 502 0.81 -14.43 -3.22
C GLU A 502 2.14 -14.63 -3.92
N GLY A 503 3.09 -13.72 -3.63
CA GLY A 503 4.38 -13.78 -4.31
C GLY A 503 5.13 -15.10 -4.04
N ALA A 504 5.01 -15.64 -2.81
CA ALA A 504 5.64 -16.88 -2.42
C ALA A 504 5.07 -18.05 -3.21
N ILE A 505 3.75 -18.08 -3.39
CA ILE A 505 3.12 -19.12 -4.19
C ILE A 505 3.55 -19.00 -5.66
N TRP A 506 3.59 -17.78 -6.18
CA TRP A 506 3.98 -17.59 -7.58
C TRP A 506 5.47 -17.83 -7.81
N ASN A 507 6.20 -17.87 -6.70
CA ASN A 507 7.65 -18.09 -6.71
C ASN A 507 8.40 -16.93 -7.35
N ILE A 508 7.87 -15.72 -7.23
CA ILE A 508 8.52 -14.51 -7.73
C ILE A 508 9.25 -13.81 -6.59
N ASN A 509 10.07 -12.84 -6.94
CA ASN A 509 10.70 -11.97 -5.95
C ASN A 509 9.84 -10.72 -5.77
N SER A 510 9.12 -10.65 -4.66
CA SER A 510 8.15 -9.59 -4.42
C SER A 510 8.84 -8.26 -4.12
N PHE A 511 10.18 -8.28 -4.05
CA PHE A 511 10.93 -7.22 -3.36
C PHE A 511 11.87 -6.40 -4.25
N ASP A 512 12.04 -6.78 -5.53
CA ASP A 512 12.77 -5.96 -6.49
C ASP A 512 11.77 -5.18 -7.34
N GLN A 513 12.29 -4.35 -8.25
CA GLN A 513 11.43 -3.57 -9.16
C GLN A 513 12.25 -3.10 -10.36
N TRP A 514 12.65 -4.05 -11.19
CA TRP A 514 13.55 -3.72 -12.29
C TRP A 514 12.86 -2.84 -13.35
N GLY A 515 11.51 -2.83 -13.46
CA GLY A 515 10.85 -1.82 -14.30
C GLY A 515 10.87 -0.40 -13.73
N VAL A 516 10.71 -0.24 -12.41
CA VAL A 516 10.82 1.13 -11.91
C VAL A 516 12.28 1.57 -11.89
N GLU A 517 13.24 0.64 -11.75
CA GLU A 517 14.65 0.97 -11.85
C GLU A 517 15.00 1.43 -13.27
N LEU A 518 14.46 0.72 -14.29
CA LEU A 518 14.69 1.14 -15.65
C LEU A 518 14.10 2.53 -15.88
N GLY A 519 12.91 2.78 -15.32
CA GLY A 519 12.22 4.05 -15.50
C GLY A 519 13.09 5.25 -15.10
N LYS A 520 13.89 5.08 -14.06
CA LYS A 520 14.71 6.17 -13.56
C LYS A 520 15.95 6.41 -14.44
N VAL A 521 16.23 5.58 -15.46
CA VAL A 521 17.32 5.89 -16.40
C VAL A 521 16.82 6.14 -17.82
N LEU A 522 15.53 5.96 -18.08
CA LEU A 522 15.00 6.01 -19.45
C LEU A 522 14.98 7.38 -20.14
N ALA A 523 14.73 8.40 -19.36
CA ALA A 523 14.26 9.63 -19.94
C ALA A 523 15.44 10.55 -20.24
N LYS A 524 16.61 10.23 -19.69
CA LYS A 524 17.75 11.15 -19.80
C LYS A 524 18.15 11.39 -21.26
N VAL A 525 18.12 10.35 -22.09
CA VAL A 525 18.54 10.47 -23.48
C VAL A 525 17.66 11.48 -24.23
N ILE A 526 16.34 11.31 -24.07
CA ILE A 526 15.39 12.26 -24.65
C ILE A 526 15.48 13.63 -24.00
N GLY A 527 15.70 13.69 -22.69
CA GLY A 527 15.83 15.00 -22.07
C GLY A 527 16.92 15.84 -22.72
N LYS A 528 18.04 15.22 -23.10
CA LYS A 528 19.13 15.94 -23.77
C LYS A 528 18.67 16.42 -25.14
N GLU A 529 17.89 15.59 -25.82
CA GLU A 529 17.31 15.95 -27.10
C GLU A 529 16.30 17.10 -26.98
N LEU A 530 15.59 17.23 -25.85
CA LEU A 530 14.63 18.33 -25.71
C LEU A 530 15.33 19.64 -25.37
N ASP A 531 16.61 19.52 -24.98
CA ASP A 531 17.43 20.66 -24.56
C ASP A 531 17.95 21.41 -25.78
N ASP A 532 18.35 20.72 -26.85
CA ASP A 532 18.70 21.45 -28.08
C ASP A 532 17.48 21.48 -28.99
N LYS A 533 17.50 22.34 -30.02
CA LYS A 533 16.24 22.67 -30.68
C LYS A 533 16.08 21.88 -31.99
N LYS A 534 17.10 21.13 -32.43
CA LYS A 534 16.97 20.40 -33.69
C LYS A 534 15.93 19.28 -33.58
N ALA A 535 15.33 18.94 -34.72
CA ALA A 535 14.37 17.85 -34.85
C ALA A 535 15.12 16.52 -34.67
N VAL A 536 14.40 15.48 -34.23
CA VAL A 536 15.07 14.27 -33.82
C VAL A 536 14.63 13.13 -34.72
N ALA A 537 15.59 12.25 -35.06
CA ALA A 537 15.30 11.10 -35.89
C ALA A 537 16.02 9.85 -35.35
N THR A 538 16.32 9.84 -34.06
CA THR A 538 17.13 8.78 -33.42
C THR A 538 16.31 7.62 -32.82
N HIS A 539 14.97 7.73 -32.83
CA HIS A 539 14.11 6.69 -32.28
C HIS A 539 13.23 6.08 -33.38
N ASP A 540 12.31 5.20 -32.95
CA ASP A 540 11.21 4.75 -33.76
C ASP A 540 10.42 5.96 -34.25
N ALA A 541 9.61 5.77 -35.30
CA ALA A 541 8.91 6.88 -35.95
C ALA A 541 7.84 7.54 -35.08
N SER A 542 7.23 6.77 -34.14
CA SER A 542 6.23 7.36 -33.26
C SER A 542 6.90 8.28 -32.25
N THR A 543 7.92 7.74 -31.58
CA THR A 543 8.67 8.55 -30.63
C THR A 543 9.20 9.81 -31.32
N ASN A 544 9.79 9.64 -32.53
CA ASN A 544 10.31 10.80 -33.23
C ASN A 544 9.18 11.77 -33.52
N GLY A 545 8.03 11.25 -34.01
CA GLY A 545 6.93 12.13 -34.37
C GLY A 545 6.39 12.91 -33.19
N LEU A 546 6.25 12.21 -32.04
CA LEU A 546 5.74 12.85 -30.84
C LEU A 546 6.70 13.94 -30.37
N ILE A 547 8.00 13.61 -30.38
CA ILE A 547 9.00 14.58 -29.94
C ILE A 547 8.95 15.80 -30.86
N ASN A 548 8.93 15.56 -32.15
CA ASN A 548 9.00 16.67 -33.11
C ASN A 548 7.74 17.52 -33.05
N GLN A 549 6.58 16.88 -32.80
CA GLN A 549 5.34 17.66 -32.69
C GLN A 549 5.38 18.52 -31.45
N PHE A 550 5.91 17.94 -30.35
CA PHE A 550 6.14 18.66 -29.11
C PHE A 550 7.03 19.89 -29.38
N LYS A 551 8.15 19.69 -30.07
CA LYS A 551 9.09 20.80 -30.32
C LYS A 551 8.39 21.96 -31.05
N GLU A 552 7.49 21.64 -32.01
CA GLU A 552 6.74 22.66 -32.72
C GLU A 552 5.77 23.41 -31.81
N TRP A 553 5.24 22.73 -30.76
CA TRP A 553 4.20 23.25 -29.90
C TRP A 553 4.72 23.84 -28.60
N GLU A 554 6.02 23.67 -28.29
CA GLU A 554 6.45 24.00 -26.95
C GLU A 554 6.70 25.51 -26.85
N GLU A 555 6.75 26.03 -25.61
CA GLU A 555 6.95 27.45 -25.44
C GLU A 555 8.27 27.80 -26.13
CAA A1IHU B . -4.31 -9.08 -4.11
NAB A1IHU B . -4.00 -7.95 -3.26
NAF A1IHU B . -5.07 -7.24 -2.64
CAE A1IHU B . -4.48 -6.24 -1.96
CAD A1IHU B . -3.14 -6.39 -2.09
BRAG A1IHU B . -1.97 -5.13 -1.23
CAC A1IHU B . -2.77 -7.43 -2.87
NAH A1IHU B . -1.55 -7.92 -3.25
O1A PA5 C . 11.43 1.85 -5.36
C1 PA5 C . 10.27 2.35 -5.44
O1 PA5 C . 9.19 1.76 -5.14
C2 PA5 C . 10.17 3.76 -6.03
O2 PA5 C . 8.85 4.27 -6.03
C3 PA5 C . 11.01 4.70 -5.20
O3 PA5 C . 10.40 4.82 -3.89
C4 PA5 C . 11.13 6.05 -5.90
O4 PA5 C . 11.79 5.84 -7.14
C5 PA5 C . 11.93 7.03 -5.10
O5 PA5 C . 13.27 6.42 -4.96
P PA5 C . 14.19 7.17 -3.84
O1P PA5 C . 13.49 6.94 -2.50
O2P PA5 C . 15.54 6.46 -3.94
O3P PA5 C . 14.25 8.69 -4.16
#